data_4U5U
#
_entry.id   4U5U
#
_cell.length_a   78.667
_cell.length_b   90.469
_cell.length_c   100.082
_cell.angle_alpha   90.00
_cell.angle_beta   90.00
_cell.angle_gamma   90.00
#
_symmetry.space_group_name_H-M   'P 21 21 21'
#
loop_
_entity.id
_entity.type
_entity.pdbx_description
1 polymer 'Importin subunit alpha-1'
2 non-polymer N~2~-[3-(pyridin-3-yl)benzyl]-L-lysinamide
3 water water
#
_entity_poly.entity_id   1
_entity_poly.type   'polypeptide(L)'
_entity_poly.pdbx_seq_one_letter_code
;GTVNWSVEDIVKGINSNNLESQLQATQAARKLLSREKQPPIDNIIRAGLIPKFVSFLGKTDCSPIQFESAWALTNIASGT
SEQTKAVVDGGAIPAFISLLASPHAHISEQAVWALGNIAGDGSAFRDLVIKHGAIDPLLALLAVPDLSTLACGYLRNLTW
TLSNLCRNKNPAPPLDAVEQILPTLVRLLHHNDPEVLADSCWAISYLTDGPNERIEMVVKKGVVPQLVKLLGATELPIVT
PALRAIGNIVTGTDEQTQKVIDAGALAVFPSLLTNPKTNIQKEATWTMSNITAGRQDQIQQVVNHGLVPFLVGVLSKADF
KTQKEAAWAITNYTSGGTVEQIVYLVHCGIIEPLMNLLSAKDTKIIQVILDAISNIFQAAEKLGETEKLSIMIEECGGLD
KIEALQRHENESVYKASLNLIEKYFS
;
_entity_poly.pdbx_strand_id   A
#
# COMPACT_ATOMS: atom_id res chain seq x y z
N GLY A 1 -24.66 -35.89 -1.77
CA GLY A 1 -25.31 -35.80 -0.47
C GLY A 1 -25.65 -34.39 -0.04
N THR A 2 -24.68 -33.48 -0.11
CA THR A 2 -24.88 -32.10 0.36
C THR A 2 -24.71 -31.05 -0.74
N VAL A 3 -24.88 -31.46 -2.00
CA VAL A 3 -24.75 -30.56 -3.14
C VAL A 3 -26.09 -29.91 -3.54
N ASN A 4 -26.08 -28.58 -3.59
CA ASN A 4 -27.23 -27.78 -4.00
C ASN A 4 -28.47 -27.97 -3.13
N TRP A 5 -28.31 -27.97 -1.81
CA TRP A 5 -29.50 -27.93 -0.96
C TRP A 5 -30.17 -26.58 -1.11
N SER A 6 -31.48 -26.56 -0.87
CA SER A 6 -32.20 -25.29 -0.71
C SER A 6 -31.94 -24.74 0.70
N VAL A 7 -32.11 -23.44 0.87
CA VAL A 7 -31.96 -22.84 2.20
C VAL A 7 -32.99 -23.43 3.16
N GLU A 8 -34.17 -23.74 2.64
CA GLU A 8 -35.24 -24.29 3.48
C GLU A 8 -34.82 -25.62 4.11
N ASP A 9 -34.15 -26.46 3.33
CA ASP A 9 -33.70 -27.76 3.83
C ASP A 9 -32.51 -27.63 4.79
N ILE A 10 -31.61 -26.70 4.50
CA ILE A 10 -30.53 -26.40 5.44
C ILE A 10 -31.10 -26.01 6.79
N VAL A 11 -32.13 -25.16 6.76
CA VAL A 11 -32.74 -24.70 8.00
C VAL A 11 -33.37 -25.87 8.74
N LYS A 12 -34.05 -26.74 8.00
CA LYS A 12 -34.69 -27.89 8.65
C LYS A 12 -33.66 -28.79 9.31
N GLY A 13 -32.53 -29.02 8.63
CA GLY A 13 -31.48 -29.85 9.19
C GLY A 13 -30.80 -29.26 10.41
N ILE A 14 -30.46 -27.98 10.31
CA ILE A 14 -29.76 -27.31 11.42
C ILE A 14 -30.67 -27.20 12.64
N ASN A 15 -31.98 -27.10 12.42
CA ASN A 15 -32.94 -27.05 13.53
C ASN A 15 -33.33 -28.40 14.11
N SER A 16 -32.87 -29.49 13.49
CA SER A 16 -33.19 -30.82 13.97
C SER A 16 -32.53 -31.07 15.30
N ASN A 17 -33.04 -32.04 16.06
CA ASN A 17 -32.39 -32.38 17.32
C ASN A 17 -31.44 -33.54 17.13
N ASN A 18 -30.50 -33.38 16.20
CA ASN A 18 -29.64 -34.48 15.77
C ASN A 18 -28.33 -33.93 15.24
N LEU A 19 -27.27 -34.14 16.00
CA LEU A 19 -25.97 -33.55 15.66
C LEU A 19 -25.51 -33.92 14.25
N GLU A 20 -25.73 -35.17 13.85
CA GLU A 20 -25.33 -35.60 12.52
C GLU A 20 -26.17 -34.93 11.44
N SER A 21 -27.48 -34.81 11.67
CA SER A 21 -28.30 -34.04 10.74
C SER A 21 -27.81 -32.60 10.68
N GLN A 22 -27.46 -32.03 11.83
CA GLN A 22 -26.97 -30.66 11.86
C GLN A 22 -25.68 -30.53 11.08
N LEU A 23 -24.79 -31.50 11.26
CA LEU A 23 -23.52 -31.50 10.54
C LEU A 23 -23.73 -31.54 9.04
N GLN A 24 -24.62 -32.42 8.60
CA GLN A 24 -24.85 -32.59 7.18
C GLN A 24 -25.46 -31.31 6.59
N ALA A 25 -26.36 -30.69 7.33
CA ALA A 25 -26.96 -29.44 6.90
C ALA A 25 -25.91 -28.31 6.90
N THR A 26 -25.01 -28.32 7.88
CA THR A 26 -23.99 -27.26 7.92
C THR A 26 -23.01 -27.41 6.76
N GLN A 27 -22.66 -28.65 6.41
CA GLN A 27 -21.83 -28.85 5.25
C GLN A 27 -22.53 -28.37 3.98
N ALA A 28 -23.82 -28.70 3.84
CA ALA A 28 -24.64 -28.20 2.73
C ALA A 28 -24.62 -26.67 2.64
N ALA A 29 -24.71 -26.00 3.78
CA ALA A 29 -24.64 -24.54 3.81
C ALA A 29 -23.26 -24.06 3.36
N ARG A 30 -22.22 -24.75 3.82
CA ARG A 30 -20.88 -24.37 3.46
C ARG A 30 -20.71 -24.45 1.93
N LYS A 31 -21.23 -25.51 1.33
CA LYS A 31 -21.07 -25.69 -0.11
C LYS A 31 -21.88 -24.67 -0.90
N LEU A 32 -23.08 -24.35 -0.41
CA LEU A 32 -23.91 -23.33 -1.04
C LEU A 32 -23.23 -21.97 -0.99
N LEU A 33 -22.64 -21.64 0.16
CA LEU A 33 -21.96 -20.37 0.34
C LEU A 33 -20.63 -20.31 -0.42
N SER A 34 -20.18 -21.45 -0.93
CA SER A 34 -18.91 -21.52 -1.62
C SER A 34 -19.04 -21.39 -3.14
N ARG A 35 -20.26 -21.54 -3.65
CA ARG A 35 -20.45 -21.53 -5.10
C ARG A 35 -20.03 -20.18 -5.69
N GLU A 36 -19.46 -20.23 -6.90
CA GLU A 36 -18.83 -19.07 -7.51
C GLU A 36 -19.84 -18.01 -7.95
N LYS A 37 -20.95 -18.47 -8.50
CA LYS A 37 -21.97 -17.55 -9.00
C LYS A 37 -22.96 -17.17 -7.91
N GLN A 38 -22.85 -15.91 -7.46
CA GLN A 38 -23.81 -15.30 -6.54
C GLN A 38 -24.23 -16.19 -5.38
N PRO A 39 -23.31 -16.46 -4.44
CA PRO A 39 -23.67 -17.28 -3.27
C PRO A 39 -24.75 -16.59 -2.43
N PRO A 40 -25.79 -17.34 -2.03
CA PRO A 40 -26.93 -16.72 -1.33
C PRO A 40 -26.62 -16.33 0.11
N ILE A 41 -25.61 -15.49 0.31
CA ILE A 41 -25.22 -15.08 1.65
C ILE A 41 -26.38 -14.40 2.40
N ASP A 42 -27.02 -13.43 1.77
CA ASP A 42 -28.09 -12.71 2.46
C ASP A 42 -29.27 -13.62 2.80
N ASN A 43 -29.54 -14.62 1.97
CA ASN A 43 -30.62 -15.55 2.30
C ASN A 43 -30.27 -16.41 3.52
N ILE A 44 -29.01 -16.84 3.60
CA ILE A 44 -28.53 -17.58 4.76
C ILE A 44 -28.61 -16.73 6.02
N ILE A 45 -28.22 -15.46 5.90
CA ILE A 45 -28.29 -14.57 7.05
C ILE A 45 -29.74 -14.38 7.49
N ARG A 46 -30.61 -14.11 6.53
CA ARG A 46 -32.01 -13.84 6.86
C ARG A 46 -32.68 -15.05 7.51
N ALA A 47 -32.24 -16.26 7.12
CA ALA A 47 -32.75 -17.49 7.70
C ALA A 47 -32.33 -17.69 9.16
N GLY A 48 -31.52 -16.78 9.70
CA GLY A 48 -31.11 -16.85 11.08
C GLY A 48 -30.01 -17.86 11.41
N LEU A 49 -29.23 -18.27 10.42
CA LEU A 49 -28.26 -19.35 10.63
C LEU A 49 -26.94 -18.93 11.31
N ILE A 50 -26.62 -17.64 11.27
CA ILE A 50 -25.32 -17.23 11.83
C ILE A 50 -25.17 -17.61 13.31
N PRO A 51 -26.18 -17.35 14.17
CA PRO A 51 -25.94 -17.74 15.57
C PRO A 51 -25.84 -19.25 15.76
N LYS A 52 -26.48 -20.03 14.88
CA LYS A 52 -26.38 -21.47 14.99
C LYS A 52 -24.97 -21.92 14.58
N PHE A 53 -24.46 -21.37 13.49
CA PHE A 53 -23.07 -21.63 13.06
C PHE A 53 -22.10 -21.28 14.18
N VAL A 54 -22.34 -20.14 14.83
CA VAL A 54 -21.40 -19.72 15.87
C VAL A 54 -21.45 -20.69 17.05
N SER A 55 -22.64 -21.19 17.40
CA SER A 55 -22.71 -22.13 18.52
C SER A 55 -21.98 -23.43 18.16
N PHE A 56 -22.04 -23.84 16.89
CA PHE A 56 -21.32 -25.03 16.44
C PHE A 56 -19.80 -24.89 16.55
N LEU A 57 -19.30 -23.65 16.56
CA LEU A 57 -17.85 -23.43 16.68
C LEU A 57 -17.34 -23.96 18.01
N GLY A 58 -18.21 -23.97 19.00
CA GLY A 58 -17.84 -24.37 20.35
C GLY A 58 -17.95 -25.87 20.63
N LYS A 59 -18.44 -26.64 19.66
CA LYS A 59 -18.58 -28.09 19.82
C LYS A 59 -17.26 -28.84 19.69
N THR A 60 -16.45 -28.79 20.74
CA THR A 60 -15.15 -29.46 20.78
C THR A 60 -15.27 -30.93 20.46
N ASP A 61 -16.37 -31.52 20.93
CA ASP A 61 -16.63 -32.95 20.76
C ASP A 61 -16.93 -33.36 19.31
N CYS A 62 -17.23 -32.40 18.44
CA CYS A 62 -17.51 -32.72 17.05
C CYS A 62 -16.74 -31.80 16.10
N SER A 63 -15.45 -32.11 15.91
CA SER A 63 -14.59 -31.25 15.11
C SER A 63 -15.06 -31.06 13.66
N PRO A 64 -15.68 -32.07 13.02
CA PRO A 64 -16.17 -31.75 11.68
C PRO A 64 -17.24 -30.62 11.63
N ILE A 65 -18.11 -30.54 12.62
CA ILE A 65 -19.10 -29.47 12.55
C ILE A 65 -18.44 -28.13 12.93
N GLN A 66 -17.37 -28.18 13.72
CA GLN A 66 -16.60 -26.96 13.98
C GLN A 66 -16.01 -26.45 12.68
N PHE A 67 -15.43 -27.36 11.92
CA PHE A 67 -14.81 -27.02 10.65
C PHE A 67 -15.82 -26.48 9.64
N GLU A 68 -16.92 -27.19 9.44
CA GLU A 68 -17.91 -26.78 8.45
C GLU A 68 -18.56 -25.41 8.79
N SER A 69 -18.90 -25.22 10.05
CA SER A 69 -19.46 -23.94 10.47
C SER A 69 -18.42 -22.83 10.36
N ALA A 70 -17.16 -23.12 10.68
CA ALA A 70 -16.10 -22.10 10.55
C ALA A 70 -15.99 -21.64 9.10
N TRP A 71 -16.04 -22.61 8.20
CA TRP A 71 -15.92 -22.35 6.78
C TRP A 71 -17.15 -21.59 6.28
N ALA A 72 -18.34 -22.03 6.67
CA ALA A 72 -19.57 -21.31 6.31
C ALA A 72 -19.45 -19.85 6.75
N LEU A 73 -19.07 -19.65 8.01
CA LEU A 73 -18.97 -18.29 8.57
C LEU A 73 -17.93 -17.46 7.84
N THR A 74 -16.84 -18.10 7.42
CA THR A 74 -15.78 -17.37 6.78
C THR A 74 -16.25 -16.89 5.41
N ASN A 75 -17.04 -17.72 4.75
CA ASN A 75 -17.63 -17.38 3.46
C ASN A 75 -18.50 -16.13 3.59
N ILE A 76 -19.26 -16.05 4.67
CA ILE A 76 -20.10 -14.89 4.94
C ILE A 76 -19.25 -13.66 5.28
N ALA A 77 -18.26 -13.85 6.14
CA ALA A 77 -17.45 -12.73 6.62
C ALA A 77 -16.53 -12.17 5.54
N SER A 78 -16.31 -12.92 4.47
CA SER A 78 -15.50 -12.40 3.37
C SER A 78 -16.33 -11.58 2.39
N GLY A 79 -17.60 -11.32 2.73
CA GLY A 79 -18.47 -10.58 1.83
C GLY A 79 -18.44 -9.09 2.10
N THR A 80 -19.61 -8.47 2.08
CA THR A 80 -19.73 -7.04 2.31
C THR A 80 -19.53 -6.70 3.79
N SER A 81 -19.44 -5.42 4.09
CA SER A 81 -19.30 -4.96 5.47
C SER A 81 -20.50 -5.35 6.30
N GLU A 82 -21.69 -5.31 5.72
CA GLU A 82 -22.88 -5.62 6.47
C GLU A 82 -22.89 -7.11 6.81
N GLN A 83 -22.40 -7.92 5.87
CA GLN A 83 -22.33 -9.36 6.07
C GLN A 83 -21.27 -9.70 7.12
N THR A 84 -20.11 -9.06 7.05
CA THR A 84 -19.10 -9.23 8.10
C THR A 84 -19.64 -8.85 9.47
N LYS A 85 -20.38 -7.74 9.54
CA LYS A 85 -20.99 -7.30 10.79
C LYS A 85 -21.95 -8.33 11.36
N ALA A 86 -22.71 -8.98 10.49
CA ALA A 86 -23.66 -9.99 10.96
C ALA A 86 -22.90 -11.12 11.67
N VAL A 87 -21.74 -11.51 11.13
CA VAL A 87 -20.92 -12.54 11.75
C VAL A 87 -20.37 -12.08 13.11
N VAL A 88 -19.85 -10.86 13.16
CA VAL A 88 -19.37 -10.30 14.41
C VAL A 88 -20.51 -10.20 15.42
N ASP A 89 -21.68 -9.77 14.96
CA ASP A 89 -22.80 -9.59 15.89
C ASP A 89 -23.31 -10.93 16.42
N GLY A 90 -23.01 -12.01 15.72
CA GLY A 90 -23.38 -13.35 16.18
C GLY A 90 -22.43 -13.88 17.24
N GLY A 91 -21.43 -13.08 17.62
CA GLY A 91 -20.46 -13.49 18.61
C GLY A 91 -19.28 -14.28 18.07
N ALA A 92 -19.02 -14.19 16.78
CA ALA A 92 -18.00 -15.05 16.17
C ALA A 92 -16.55 -14.76 16.60
N ILE A 93 -16.25 -13.53 17.01
CA ILE A 93 -14.83 -13.21 17.24
C ILE A 93 -14.20 -14.06 18.37
N PRO A 94 -14.79 -14.08 19.58
CA PRO A 94 -14.11 -14.92 20.58
C PRO A 94 -14.17 -16.42 20.26
N ALA A 95 -15.24 -16.85 19.58
CA ALA A 95 -15.35 -18.24 19.18
C ALA A 95 -14.22 -18.64 18.22
N PHE A 96 -13.93 -17.77 17.26
CA PHE A 96 -12.81 -18.03 16.33
C PHE A 96 -11.46 -17.96 17.04
N ILE A 97 -11.29 -17.02 17.97
CA ILE A 97 -10.03 -16.94 18.70
C ILE A 97 -9.80 -18.21 19.51
N SER A 98 -10.85 -18.76 20.11
CA SER A 98 -10.71 -20.02 20.85
C SER A 98 -10.30 -21.17 19.93
N LEU A 99 -10.64 -21.08 18.64
CA LEU A 99 -10.32 -22.13 17.69
C LEU A 99 -8.88 -22.07 17.16
N LEU A 100 -8.17 -20.96 17.40
CA LEU A 100 -6.78 -20.86 16.96
C LEU A 100 -5.90 -21.96 17.53
N ALA A 101 -6.19 -22.37 18.77
CA ALA A 101 -5.39 -23.39 19.46
C ALA A 101 -5.98 -24.79 19.30
N SER A 102 -6.87 -24.95 18.32
CA SER A 102 -7.42 -26.27 18.02
C SER A 102 -6.32 -27.26 17.66
N PRO A 103 -6.44 -28.51 18.11
CA PRO A 103 -5.47 -29.55 17.72
C PRO A 103 -5.56 -29.88 16.23
N HIS A 104 -6.65 -29.51 15.58
CA HIS A 104 -6.85 -29.82 14.17
C HIS A 104 -6.41 -28.64 13.31
N ALA A 105 -5.37 -28.86 12.51
CA ALA A 105 -4.74 -27.75 11.77
C ALA A 105 -5.74 -27.08 10.81
N HIS A 106 -6.55 -27.89 10.13
CA HIS A 106 -7.58 -27.39 9.24
C HIS A 106 -8.56 -26.42 9.91
N ILE A 107 -8.85 -26.67 11.19
CA ILE A 107 -9.79 -25.83 11.92
C ILE A 107 -9.10 -24.53 12.33
N SER A 108 -7.91 -24.66 12.92
CA SER A 108 -7.11 -23.51 13.30
C SER A 108 -6.97 -22.55 12.13
N GLU A 109 -6.61 -23.11 10.98
CA GLU A 109 -6.40 -22.33 9.76
C GLU A 109 -7.68 -21.62 9.30
N GLN A 110 -8.82 -22.28 9.43
CA GLN A 110 -10.09 -21.65 9.11
C GLN A 110 -10.34 -20.45 10.04
N ALA A 111 -10.02 -20.59 11.31
CA ALA A 111 -10.18 -19.49 12.27
C ALA A 111 -9.23 -18.33 11.98
N VAL A 112 -8.00 -18.65 11.56
CA VAL A 112 -7.07 -17.61 11.13
C VAL A 112 -7.66 -16.81 9.97
N TRP A 113 -8.20 -17.52 8.99
CA TRP A 113 -8.75 -16.91 7.79
C TRP A 113 -9.98 -16.05 8.12
N ALA A 114 -10.84 -16.57 8.98
CA ALA A 114 -12.01 -15.82 9.44
C ALA A 114 -11.63 -14.49 10.11
N LEU A 115 -10.64 -14.55 10.99
CA LEU A 115 -10.24 -13.37 11.75
C LEU A 115 -9.57 -12.33 10.86
N GLY A 116 -8.86 -12.79 9.82
CA GLY A 116 -8.28 -11.87 8.86
C GLY A 116 -9.34 -11.10 8.07
N ASN A 117 -10.41 -11.80 7.69
CA ASN A 117 -11.51 -11.14 7.00
C ASN A 117 -12.27 -10.18 7.90
N ILE A 118 -12.51 -10.58 9.14
CA ILE A 118 -13.14 -9.67 10.10
C ILE A 118 -12.26 -8.44 10.33
N ALA A 119 -10.99 -8.66 10.69
CA ALA A 119 -10.07 -7.56 10.95
C ALA A 119 -9.91 -6.67 9.72
N GLY A 120 -9.89 -7.29 8.55
CA GLY A 120 -9.68 -6.58 7.31
C GLY A 120 -10.83 -5.65 6.91
N ASP A 121 -12.00 -5.86 7.50
CA ASP A 121 -13.17 -5.08 7.10
C ASP A 121 -13.02 -3.59 7.44
N GLY A 122 -12.33 -3.27 8.52
CA GLY A 122 -12.13 -1.88 8.86
C GLY A 122 -11.48 -1.68 10.21
N SER A 123 -11.15 -0.43 10.49
CA SER A 123 -10.44 -0.07 11.72
C SER A 123 -11.14 -0.55 13.01
N ALA A 124 -12.45 -0.39 13.09
CA ALA A 124 -13.15 -0.75 14.33
C ALA A 124 -13.13 -2.26 14.56
N PHE A 125 -13.41 -3.05 13.53
CA PHE A 125 -13.37 -4.51 13.69
C PHE A 125 -11.94 -5.01 13.91
N ARG A 126 -10.99 -4.39 13.23
CA ARG A 126 -9.57 -4.68 13.46
C ARG A 126 -9.28 -4.53 14.93
N ASP A 127 -9.64 -3.37 15.47
CA ASP A 127 -9.33 -3.08 16.87
C ASP A 127 -10.12 -3.98 17.83
N LEU A 128 -11.30 -4.40 17.39
CA LEU A 128 -12.13 -5.29 18.21
C LEU A 128 -11.52 -6.70 18.25
N VAL A 129 -11.02 -7.16 17.12
CA VAL A 129 -10.32 -8.44 17.08
C VAL A 129 -9.10 -8.42 18.01
N ILE A 130 -8.39 -7.30 18.00
CA ILE A 130 -7.22 -7.15 18.86
C ILE A 130 -7.63 -7.11 20.35
N LYS A 131 -8.72 -6.40 20.65
CA LYS A 131 -9.18 -6.33 22.05
C LYS A 131 -9.61 -7.71 22.56
N HIS A 132 -10.15 -8.57 21.69
CA HIS A 132 -10.53 -9.91 22.11
C HIS A 132 -9.32 -10.83 22.29
N GLY A 133 -8.13 -10.30 22.02
CA GLY A 133 -6.90 -11.03 22.29
C GLY A 133 -6.40 -11.93 21.16
N ALA A 134 -6.60 -11.54 19.91
CA ALA A 134 -6.24 -12.45 18.83
C ALA A 134 -4.73 -12.53 18.59
N ILE A 135 -4.00 -11.48 18.93
CA ILE A 135 -2.60 -11.42 18.50
C ILE A 135 -1.72 -12.50 19.14
N ASP A 136 -1.79 -12.68 20.46
CA ASP A 136 -0.97 -13.70 21.13
C ASP A 136 -1.12 -15.11 20.52
N PRO A 137 -2.37 -15.65 20.42
CA PRO A 137 -2.46 -16.98 19.81
C PRO A 137 -2.08 -17.02 18.33
N LEU A 138 -2.27 -15.93 17.59
CA LEU A 138 -1.85 -15.94 16.19
C LEU A 138 -0.33 -16.03 16.11
N LEU A 139 0.34 -15.23 16.93
CA LEU A 139 1.81 -15.23 16.92
C LEU A 139 2.36 -16.57 17.36
N ALA A 140 1.66 -17.21 18.29
CA ALA A 140 2.06 -18.52 18.82
C ALA A 140 2.08 -19.59 17.75
N LEU A 141 1.25 -19.45 16.72
CA LEU A 141 1.20 -20.40 15.61
C LEU A 141 2.47 -20.33 14.75
N LEU A 142 3.22 -19.24 14.89
CA LEU A 142 4.43 -19.03 14.10
C LEU A 142 5.69 -19.25 14.94
N ALA A 143 5.51 -19.66 16.19
CA ALA A 143 6.65 -19.85 17.10
C ALA A 143 7.32 -21.21 16.90
N VAL A 144 7.97 -21.36 15.75
CA VAL A 144 8.77 -22.53 15.44
C VAL A 144 10.18 -22.06 15.05
N PRO A 145 11.20 -22.91 15.25
CA PRO A 145 12.56 -22.51 14.90
C PRO A 145 12.75 -22.13 13.43
N ASP A 146 12.09 -22.87 12.52
CA ASP A 146 12.22 -22.61 11.10
C ASP A 146 10.85 -22.61 10.43
N LEU A 147 10.50 -21.49 9.81
CA LEU A 147 9.18 -21.33 9.20
C LEU A 147 8.93 -22.36 8.12
N SER A 148 10.01 -22.85 7.52
CA SER A 148 9.89 -23.81 6.41
C SER A 148 9.26 -25.13 6.82
N THR A 149 9.16 -25.40 8.12
CA THR A 149 8.52 -26.62 8.57
C THR A 149 6.99 -26.51 8.57
N LEU A 150 6.48 -25.29 8.39
CA LEU A 150 5.03 -25.07 8.36
C LEU A 150 4.49 -25.29 6.95
N ALA A 151 3.26 -25.78 6.84
CA ALA A 151 2.63 -25.92 5.54
C ALA A 151 2.56 -24.56 4.87
N CYS A 152 2.85 -24.53 3.58
CA CYS A 152 2.87 -23.29 2.81
C CYS A 152 1.55 -22.50 2.90
N GLY A 153 0.42 -23.17 2.71
CA GLY A 153 -0.87 -22.48 2.73
C GLY A 153 -1.19 -21.91 4.10
N TYR A 154 -0.86 -22.68 5.12
CA TYR A 154 -1.03 -22.30 6.51
C TYR A 154 -0.25 -21.01 6.83
N LEU A 155 0.98 -20.95 6.33
CA LEU A 155 1.84 -19.81 6.57
C LEU A 155 1.36 -18.58 5.82
N ARG A 156 0.95 -18.78 4.57
CA ARG A 156 0.40 -17.67 3.78
C ARG A 156 -0.85 -17.08 4.41
N ASN A 157 -1.69 -17.95 4.92
CA ASN A 157 -2.89 -17.57 5.63
C ASN A 157 -2.59 -16.71 6.86
N LEU A 158 -1.69 -17.18 7.71
CA LEU A 158 -1.28 -16.41 8.89
C LEU A 158 -0.68 -15.05 8.53
N THR A 159 0.16 -15.04 7.50
CA THR A 159 0.81 -13.79 7.08
C THR A 159 -0.23 -12.81 6.59
N TRP A 160 -1.17 -13.29 5.80
CA TRP A 160 -2.25 -12.46 5.29
C TRP A 160 -3.08 -11.88 6.44
N THR A 161 -3.45 -12.73 7.40
CA THR A 161 -4.24 -12.24 8.53
C THR A 161 -3.46 -11.21 9.36
N LEU A 162 -2.18 -11.46 9.59
CA LEU A 162 -1.36 -10.47 10.31
C LEU A 162 -1.31 -9.15 9.55
N SER A 163 -1.26 -9.22 8.22
CA SER A 163 -1.22 -7.99 7.43
C SER A 163 -2.52 -7.20 7.58
N ASN A 164 -3.65 -7.89 7.75
CA ASN A 164 -4.93 -7.21 7.99
C ASN A 164 -4.98 -6.53 9.37
N LEU A 165 -4.29 -7.09 10.36
CA LEU A 165 -4.23 -6.44 11.67
C LEU A 165 -3.40 -5.15 11.62
N CYS A 166 -2.59 -5.00 10.58
CA CYS A 166 -1.77 -3.80 10.36
C CYS A 166 -2.44 -2.76 9.46
N ARG A 167 -3.54 -3.12 8.82
CA ARG A 167 -3.95 -2.44 7.58
C ARG A 167 -4.58 -1.05 7.58
N ASN A 168 -5.61 -0.79 8.35
CA ASN A 168 -6.36 0.44 8.01
C ASN A 168 -5.95 1.69 8.80
N LYS A 169 -6.64 2.81 8.54
CA LYS A 169 -6.32 4.10 9.16
C LYS A 169 -7.53 4.80 9.80
N ASN A 170 -7.27 5.93 10.45
CA ASN A 170 -8.30 6.67 11.20
C ASN A 170 -9.18 5.79 12.10
N PRO A 171 -8.59 5.21 13.15
CA PRO A 171 -7.18 5.32 13.49
C PRO A 171 -6.33 4.20 12.91
N ALA A 172 -5.02 4.39 12.94
CA ALA A 172 -4.04 3.35 12.68
C ALA A 172 -4.09 2.33 13.81
N PRO A 173 -3.50 1.14 13.61
CA PRO A 173 -3.61 0.14 14.69
C PRO A 173 -2.95 0.63 15.98
N PRO A 174 -3.38 0.10 17.14
CA PRO A 174 -2.80 0.48 18.45
C PRO A 174 -1.29 0.31 18.44
N LEU A 175 -0.56 1.28 18.99
CA LEU A 175 0.90 1.22 18.98
C LEU A 175 1.41 -0.05 19.59
N ASP A 176 0.80 -0.45 20.69
CA ASP A 176 1.14 -1.65 21.43
CA ASP A 176 1.24 -1.65 21.39
C ASP A 176 1.02 -2.92 20.56
N ALA A 177 -0.05 -2.98 19.78
CA ALA A 177 -0.30 -4.11 18.90
C ALA A 177 0.76 -4.17 17.79
N VAL A 178 1.05 -3.02 17.20
CA VAL A 178 2.10 -2.92 16.18
C VAL A 178 3.43 -3.43 16.72
N GLU A 179 3.83 -2.99 17.92
CA GLU A 179 5.12 -3.44 18.47
C GLU A 179 5.14 -4.93 18.72
N GLN A 180 3.99 -5.48 19.12
CA GLN A 180 3.85 -6.91 19.34
C GLN A 180 3.99 -7.73 18.05
N ILE A 181 3.44 -7.20 16.95
CA ILE A 181 3.43 -7.94 15.69
C ILE A 181 4.75 -7.80 14.92
N LEU A 182 5.40 -6.66 15.08
CA LEU A 182 6.51 -6.30 14.18
C LEU A 182 7.67 -7.31 14.12
N PRO A 183 8.10 -7.89 15.27
CA PRO A 183 9.21 -8.84 15.13
C PRO A 183 8.88 -10.06 14.27
N THR A 184 7.62 -10.51 14.32
CA THR A 184 7.22 -11.65 13.51
C THR A 184 7.14 -11.23 12.06
N LEU A 185 6.62 -10.03 11.83
CA LEU A 185 6.63 -9.46 10.49
C LEU A 185 8.04 -9.42 9.89
N VAL A 186 9.02 -8.95 10.67
CA VAL A 186 10.40 -8.86 10.19
C VAL A 186 10.91 -10.24 9.79
N ARG A 187 10.56 -11.24 10.59
CA ARG A 187 10.92 -12.62 10.27
C ARG A 187 10.23 -13.14 8.99
N LEU A 188 8.96 -12.80 8.81
CA LEU A 188 8.23 -13.23 7.62
C LEU A 188 8.81 -12.54 6.39
N LEU A 189 9.30 -11.32 6.57
CA LEU A 189 9.89 -10.58 5.48
C LEU A 189 11.21 -11.26 4.99
N HIS A 190 11.74 -12.28 5.68
CA HIS A 190 12.89 -12.86 5.07
C HIS A 190 12.54 -14.33 4.73
N HIS A 191 11.27 -14.66 4.70
CA HIS A 191 10.87 -16.01 4.39
C HIS A 191 10.82 -16.22 2.88
N ASN A 192 11.27 -17.39 2.43
CA ASN A 192 11.37 -17.63 1.00
C ASN A 192 10.11 -18.25 0.40
N ASP A 193 9.03 -17.48 0.44
CA ASP A 193 7.84 -17.77 -0.36
C ASP A 193 7.31 -16.45 -0.89
N PRO A 194 7.07 -16.37 -2.20
CA PRO A 194 6.68 -15.09 -2.81
C PRO A 194 5.38 -14.52 -2.25
N GLU A 195 4.41 -15.36 -1.92
CA GLU A 195 3.17 -14.82 -1.38
C GLU A 195 3.38 -14.31 0.03
N VAL A 196 4.19 -15.00 0.83
CA VAL A 196 4.46 -14.53 2.19
C VAL A 196 5.22 -13.20 2.16
N LEU A 197 6.20 -13.12 1.26
CA LEU A 197 6.95 -11.89 1.07
C LEU A 197 6.04 -10.76 0.64
N ALA A 198 5.16 -11.02 -0.32
CA ALA A 198 4.26 -9.96 -0.76
C ALA A 198 3.38 -9.45 0.38
N ASP A 199 2.79 -10.37 1.15
CA ASP A 199 1.87 -9.95 2.21
C ASP A 199 2.59 -9.26 3.36
N SER A 200 3.80 -9.71 3.66
CA SER A 200 4.64 -9.06 4.66
C SER A 200 5.00 -7.64 4.23
N CYS A 201 5.35 -7.50 2.95
CA CYS A 201 5.59 -6.19 2.37
C CYS A 201 4.37 -5.28 2.47
N TRP A 202 3.20 -5.81 2.14
CA TRP A 202 1.97 -5.03 2.30
C TRP A 202 1.82 -4.58 3.75
N ALA A 203 2.02 -5.50 4.69
CA ALA A 203 1.90 -5.16 6.10
C ALA A 203 2.84 -4.01 6.47
N ILE A 204 4.07 -4.06 5.96
CA ILE A 204 5.02 -2.99 6.25
C ILE A 204 4.59 -1.68 5.58
N SER A 205 4.02 -1.76 4.39
CA SER A 205 3.57 -0.54 3.72
C SER A 205 2.42 0.14 4.48
N TYR A 206 1.50 -0.67 5.03
CA TYR A 206 0.47 -0.12 5.91
C TYR A 206 1.09 0.58 7.12
N LEU A 207 2.04 -0.08 7.77
CA LEU A 207 2.57 0.44 9.04
C LEU A 207 3.34 1.74 8.82
N THR A 208 3.88 1.92 7.61
CA THR A 208 4.68 3.09 7.32
C THR A 208 3.84 4.19 6.68
N ASP A 209 2.57 3.90 6.45
CA ASP A 209 1.65 4.86 5.88
C ASP A 209 1.10 5.78 6.99
N GLY A 210 1.96 6.61 7.56
CA GLY A 210 1.52 7.49 8.64
C GLY A 210 2.55 8.54 9.04
N PRO A 211 2.42 9.10 10.25
CA PRO A 211 3.39 10.10 10.74
C PRO A 211 4.77 9.50 10.97
N ASN A 212 5.78 10.34 11.20
CA ASN A 212 7.15 9.87 11.28
C ASN A 212 7.39 8.91 12.44
N GLU A 213 6.61 9.03 13.51
CA GLU A 213 6.77 8.13 14.65
C GLU A 213 6.42 6.70 14.24
N ARG A 214 5.39 6.56 13.42
CA ARG A 214 5.00 5.26 12.88
C ARG A 214 6.08 4.69 11.95
N ILE A 215 6.56 5.52 11.04
CA ILE A 215 7.70 5.14 10.21
C ILE A 215 8.91 4.72 11.07
N GLU A 216 9.22 5.51 12.10
CA GLU A 216 10.39 5.22 12.92
C GLU A 216 10.36 3.82 13.57
N MET A 217 9.21 3.41 14.10
CA MET A 217 9.17 2.12 14.77
C MET A 217 9.39 0.95 13.79
N VAL A 218 9.10 1.18 12.51
CA VAL A 218 9.42 0.19 11.49
C VAL A 218 10.91 0.24 11.11
N VAL A 219 11.38 1.44 10.77
CA VAL A 219 12.78 1.63 10.40
C VAL A 219 13.75 1.15 11.49
N LYS A 220 13.39 1.38 12.76
CA LYS A 220 14.24 0.96 13.87
C LYS A 220 14.42 -0.55 13.94
N LYS A 221 13.51 -1.31 13.34
CA LYS A 221 13.64 -2.78 13.31
C LYS A 221 14.65 -3.27 12.28
N GLY A 222 15.17 -2.34 11.47
CA GLY A 222 16.23 -2.68 10.54
C GLY A 222 15.79 -3.30 9.23
N VAL A 223 14.54 -3.08 8.83
CA VAL A 223 14.00 -3.75 7.65
C VAL A 223 14.31 -3.04 6.32
N VAL A 224 14.82 -1.82 6.35
CA VAL A 224 14.97 -1.07 5.10
C VAL A 224 15.86 -1.80 4.08
N PRO A 225 17.01 -2.37 4.50
CA PRO A 225 17.80 -3.15 3.52
C PRO A 225 17.05 -4.30 2.89
N GLN A 226 16.24 -5.02 3.67
CA GLN A 226 15.46 -6.12 3.10
C GLN A 226 14.38 -5.58 2.15
N LEU A 227 13.78 -4.43 2.49
CA LEU A 227 12.82 -3.80 1.58
C LEU A 227 13.44 -3.41 0.24
N VAL A 228 14.65 -2.87 0.30
CA VAL A 228 15.37 -2.50 -0.92
C VAL A 228 15.71 -3.74 -1.75
N LYS A 229 16.07 -4.82 -1.07
CA LYS A 229 16.30 -6.07 -1.78
C LYS A 229 15.03 -6.53 -2.50
N LEU A 230 13.90 -6.48 -1.81
CA LEU A 230 12.65 -6.93 -2.39
C LEU A 230 12.22 -6.00 -3.51
N LEU A 231 12.65 -4.75 -3.40
CA LEU A 231 12.39 -3.76 -4.41
C LEU A 231 12.97 -4.21 -5.76
N GLY A 232 14.05 -4.97 -5.69
CA GLY A 232 14.68 -5.49 -6.88
C GLY A 232 14.10 -6.80 -7.39
N ALA A 233 13.08 -7.35 -6.72
CA ALA A 233 12.52 -8.66 -7.09
C ALA A 233 11.95 -8.69 -8.51
N THR A 234 11.87 -9.89 -9.08
CA THR A 234 11.33 -10.03 -10.42
C THR A 234 9.81 -10.09 -10.38
N GLU A 235 9.25 -10.53 -9.26
CA GLU A 235 7.79 -10.64 -9.12
C GLU A 235 7.12 -9.30 -8.82
N LEU A 236 6.30 -8.82 -9.75
CA LEU A 236 5.51 -7.62 -9.55
C LEU A 236 4.67 -7.58 -8.25
N PRO A 237 4.09 -8.73 -7.82
CA PRO A 237 3.36 -8.67 -6.54
C PRO A 237 4.26 -8.41 -5.34
N ILE A 238 5.57 -8.57 -5.49
CA ILE A 238 6.49 -8.24 -4.40
C ILE A 238 6.99 -6.81 -4.55
N VAL A 239 7.37 -6.42 -5.78
CA VAL A 239 7.85 -5.06 -6.01
C VAL A 239 6.80 -4.00 -5.65
N THR A 240 5.53 -4.23 -5.96
CA THR A 240 4.51 -3.20 -5.74
C THR A 240 4.42 -2.77 -4.24
N PRO A 241 4.23 -3.70 -3.28
CA PRO A 241 4.20 -3.23 -1.88
C PRO A 241 5.56 -2.82 -1.34
N ALA A 242 6.65 -3.42 -1.83
CA ALA A 242 7.97 -3.01 -1.38
C ALA A 242 8.22 -1.56 -1.75
N LEU A 243 7.83 -1.19 -2.96
CA LEU A 243 7.96 0.21 -3.40
C LEU A 243 6.99 1.14 -2.66
N ARG A 244 5.83 0.63 -2.32
CA ARG A 244 4.88 1.46 -1.56
C ARG A 244 5.49 1.78 -0.20
N ALA A 245 6.08 0.77 0.43
CA ALA A 245 6.72 0.93 1.74
C ALA A 245 7.90 1.90 1.70
N ILE A 246 8.78 1.72 0.72
CA ILE A 246 9.91 2.63 0.54
C ILE A 246 9.44 4.05 0.30
N GLY A 247 8.42 4.19 -0.54
CA GLY A 247 7.82 5.49 -0.84
C GLY A 247 7.26 6.17 0.42
N ASN A 248 6.62 5.38 1.28
CA ASN A 248 6.12 5.90 2.54
C ASN A 248 7.25 6.35 3.44
N ILE A 249 8.31 5.55 3.53
CA ILE A 249 9.42 5.84 4.42
C ILE A 249 10.12 7.17 4.05
N VAL A 250 10.26 7.46 2.76
CA VAL A 250 10.91 8.72 2.38
C VAL A 250 9.97 9.94 2.47
N THR A 251 8.73 9.76 2.91
CA THR A 251 7.93 10.93 3.27
C THR A 251 8.26 11.37 4.70
N GLY A 252 9.18 10.65 5.33
CA GLY A 252 9.54 10.88 6.73
C GLY A 252 10.64 11.92 6.87
N THR A 253 11.53 11.71 7.84
CA THR A 253 12.59 12.67 8.12
C THR A 253 13.75 12.47 7.16
N ASP A 254 14.61 13.48 7.09
CA ASP A 254 15.83 13.40 6.31
C ASP A 254 16.62 12.17 6.70
N GLU A 255 16.62 11.87 8.00
CA GLU A 255 17.37 10.72 8.51
C GLU A 255 16.74 9.39 8.06
N GLN A 256 15.41 9.32 8.09
CA GLN A 256 14.69 8.13 7.63
C GLN A 256 14.91 7.94 6.13
N THR A 257 14.81 9.02 5.38
CA THR A 257 15.11 9.00 3.94
C THR A 257 16.54 8.51 3.70
N GLN A 258 17.48 8.98 4.51
CA GLN A 258 18.88 8.59 4.34
C GLN A 258 19.10 7.08 4.50
N LYS A 259 18.33 6.44 5.38
CA LYS A 259 18.41 4.98 5.54
C LYS A 259 18.09 4.28 4.21
N VAL A 260 17.09 4.80 3.52
CA VAL A 260 16.69 4.25 2.22
C VAL A 260 17.84 4.38 1.20
N ILE A 261 18.43 5.56 1.11
CA ILE A 261 19.54 5.79 0.19
C ILE A 261 20.74 4.91 0.58
N ASP A 262 21.08 4.93 1.86
CA ASP A 262 22.20 4.14 2.38
C ASP A 262 22.07 2.66 2.06
N ALA A 263 20.83 2.17 2.01
CA ALA A 263 20.58 0.76 1.75
C ALA A 263 20.71 0.42 0.26
N GLY A 264 20.89 1.44 -0.59
CA GLY A 264 21.15 1.21 -2.00
C GLY A 264 19.93 1.29 -2.89
N ALA A 265 18.87 1.94 -2.41
CA ALA A 265 17.63 2.01 -3.16
C ALA A 265 17.78 2.71 -4.50
N LEU A 266 18.62 3.75 -4.55
CA LEU A 266 18.68 4.55 -5.78
C LEU A 266 19.15 3.72 -6.98
N ALA A 267 19.87 2.63 -6.74
CA ALA A 267 20.38 1.81 -7.83
C ALA A 267 19.27 1.03 -8.54
N VAL A 268 18.12 0.88 -7.90
CA VAL A 268 17.01 0.18 -8.52
C VAL A 268 16.18 1.14 -9.37
N PHE A 269 16.36 2.44 -9.18
CA PHE A 269 15.43 3.36 -9.84
C PHE A 269 15.54 3.56 -11.36
N PRO A 270 16.70 3.31 -11.98
CA PRO A 270 16.65 3.30 -13.46
C PRO A 270 15.61 2.33 -14.02
N SER A 271 15.51 1.14 -13.44
CA SER A 271 14.49 0.17 -13.85
C SER A 271 13.09 0.59 -13.44
N LEU A 272 12.94 1.07 -12.21
CA LEU A 272 11.62 1.46 -11.74
C LEU A 272 11.06 2.62 -12.55
N LEU A 273 11.90 3.61 -12.85
CA LEU A 273 11.44 4.78 -13.60
C LEU A 273 11.17 4.51 -15.08
N THR A 274 11.52 3.32 -15.55
CA THR A 274 11.20 2.93 -16.92
C THR A 274 10.36 1.64 -16.94
N ASN A 275 9.82 1.28 -15.77
CA ASN A 275 9.04 0.05 -15.64
C ASN A 275 7.80 0.06 -16.53
N PRO A 276 7.54 -1.06 -17.24
CA PRO A 276 6.38 -1.12 -18.14
C PRO A 276 5.03 -1.11 -17.40
N LYS A 277 5.02 -1.38 -16.09
CA LYS A 277 3.78 -1.25 -15.31
C LYS A 277 3.61 0.21 -14.90
N THR A 278 2.53 0.82 -15.35
CA THR A 278 2.30 2.25 -15.15
C THR A 278 2.34 2.67 -13.68
N ASN A 279 1.72 1.89 -12.81
CA ASN A 279 1.67 2.19 -11.39
CA ASN A 279 1.68 2.27 -11.40
C ASN A 279 3.04 2.14 -10.70
N ILE A 280 3.91 1.28 -11.21
CA ILE A 280 5.26 1.19 -10.65
C ILE A 280 6.02 2.46 -10.97
N GLN A 281 5.96 2.85 -12.23
CA GLN A 281 6.62 4.04 -12.67
C GLN A 281 6.06 5.28 -11.93
N LYS A 282 4.74 5.32 -11.72
CA LYS A 282 4.12 6.42 -11.00
C LYS A 282 4.64 6.50 -9.56
N GLU A 283 4.59 5.36 -8.85
CA GLU A 283 5.02 5.31 -7.47
C GLU A 283 6.51 5.54 -7.31
N ALA A 284 7.30 5.12 -8.30
CA ALA A 284 8.73 5.37 -8.22
C ALA A 284 9.03 6.86 -8.37
N THR A 285 8.28 7.52 -9.23
CA THR A 285 8.49 8.94 -9.45
C THR A 285 8.04 9.74 -8.21
N TRP A 286 6.92 9.32 -7.62
CA TRP A 286 6.45 9.91 -6.37
C TRP A 286 7.54 9.83 -5.31
N THR A 287 8.14 8.65 -5.20
CA THR A 287 9.23 8.39 -4.28
C THR A 287 10.41 9.35 -4.57
N MET A 288 10.78 9.48 -5.84
CA MET A 288 11.84 10.42 -6.22
C MET A 288 11.50 11.84 -5.79
N SER A 289 10.23 12.23 -5.93
CA SER A 289 9.80 13.58 -5.57
C SER A 289 9.99 13.86 -4.09
N ASN A 290 9.89 12.83 -3.27
CA ASN A 290 10.10 13.00 -1.83
C ASN A 290 11.57 12.98 -1.48
N ILE A 291 12.37 12.33 -2.31
CA ILE A 291 13.81 12.33 -2.10
C ILE A 291 14.41 13.65 -2.57
N THR A 292 13.88 14.22 -3.66
CA THR A 292 14.46 15.50 -4.11
C THR A 292 13.98 16.64 -3.22
N ALA A 293 13.01 16.37 -2.36
CA ALA A 293 12.58 17.36 -1.38
C ALA A 293 13.45 17.31 -0.12
N GLY A 294 14.49 16.49 -0.15
CA GLY A 294 15.35 16.38 1.02
C GLY A 294 16.51 17.36 1.01
N ARG A 295 17.59 16.99 1.70
CA ARG A 295 18.80 17.79 1.79
C ARG A 295 19.53 17.91 0.46
N GLN A 296 20.37 18.93 0.36
CA GLN A 296 21.21 19.09 -0.82
C GLN A 296 22.16 17.91 -1.01
N ASP A 297 22.61 17.29 0.06
CA ASP A 297 23.50 16.13 -0.09
C ASP A 297 22.71 14.90 -0.56
N GLN A 298 21.40 14.89 -0.34
CA GLN A 298 20.58 13.80 -0.84
C GLN A 298 20.25 14.01 -2.31
N ILE A 299 19.93 15.25 -2.67
CA ILE A 299 19.85 15.60 -4.08
C ILE A 299 21.13 15.21 -4.81
N GLN A 300 22.28 15.46 -4.20
CA GLN A 300 23.55 15.12 -4.83
C GLN A 300 23.66 13.61 -5.10
N GLN A 301 23.08 12.80 -4.22
CA GLN A 301 23.15 11.36 -4.44
C GLN A 301 22.26 10.94 -5.61
N VAL A 302 21.12 11.61 -5.75
CA VAL A 302 20.26 11.42 -6.93
C VAL A 302 21.07 11.75 -8.20
N VAL A 303 21.73 12.90 -8.20
CA VAL A 303 22.66 13.25 -9.28
C VAL A 303 23.72 12.17 -9.53
N ASN A 304 24.43 11.76 -8.48
CA ASN A 304 25.51 10.80 -8.62
C ASN A 304 25.08 9.47 -9.18
N HIS A 305 23.87 9.05 -8.86
CA HIS A 305 23.39 7.74 -9.34
C HIS A 305 22.85 7.82 -10.76
N GLY A 306 22.96 8.99 -11.38
CA GLY A 306 22.54 9.17 -12.76
C GLY A 306 21.05 9.21 -12.96
N LEU A 307 20.30 9.67 -11.95
CA LEU A 307 18.84 9.57 -12.00
C LEU A 307 18.21 10.78 -12.64
N VAL A 308 18.97 11.86 -12.78
CA VAL A 308 18.36 13.06 -13.36
C VAL A 308 17.94 12.84 -14.83
N PRO A 309 18.79 12.20 -15.65
CA PRO A 309 18.28 11.90 -17.01
C PRO A 309 16.99 11.08 -17.00
N PHE A 310 16.86 10.17 -16.05
CA PHE A 310 15.63 9.38 -15.94
C PHE A 310 14.41 10.23 -15.58
N LEU A 311 14.62 11.27 -14.78
CA LEU A 311 13.52 12.17 -14.44
C LEU A 311 13.15 13.00 -15.65
N VAL A 312 14.16 13.44 -16.38
CA VAL A 312 13.92 14.13 -17.64
C VAL A 312 13.11 13.21 -18.57
N GLY A 313 13.43 11.92 -18.56
CA GLY A 313 12.72 10.96 -19.40
C GLY A 313 11.23 10.87 -19.04
N VAL A 314 10.94 10.70 -17.77
CA VAL A 314 9.55 10.58 -17.32
C VAL A 314 8.77 11.87 -17.60
N LEU A 315 9.39 13.02 -17.32
CA LEU A 315 8.77 14.29 -17.67
C LEU A 315 8.47 14.35 -19.17
N SER A 316 9.39 13.84 -19.99
CA SER A 316 9.23 13.88 -21.44
C SER A 316 8.09 13.01 -21.93
N LYS A 317 7.98 11.82 -21.34
CA LYS A 317 6.98 10.86 -21.80
C LYS A 317 6.63 9.86 -20.71
N ALA A 318 5.35 9.83 -20.35
CA ALA A 318 4.84 8.94 -19.31
C ALA A 318 3.35 9.18 -19.23
N ASP A 319 2.65 8.28 -18.57
CA ASP A 319 1.25 8.54 -18.22
C ASP A 319 1.18 9.88 -17.50
N PHE A 320 0.11 10.66 -17.73
CA PHE A 320 0.06 12.03 -17.22
C PHE A 320 0.25 12.16 -15.71
N LYS A 321 -0.29 11.20 -14.96
CA LYS A 321 -0.17 11.26 -13.49
C LYS A 321 1.27 11.06 -13.04
N THR A 322 2.01 10.27 -13.82
CA THR A 322 3.43 10.08 -13.61
C THR A 322 4.17 11.36 -13.94
N GLN A 323 3.81 12.02 -15.04
CA GLN A 323 4.43 13.29 -15.42
C GLN A 323 4.21 14.36 -14.36
N LYS A 324 3.05 14.32 -13.73
CA LYS A 324 2.74 15.27 -12.67
C LYS A 324 3.68 15.05 -11.48
N GLU A 325 3.91 13.78 -11.12
CA GLU A 325 4.85 13.47 -10.06
C GLU A 325 6.26 13.90 -10.43
N ALA A 326 6.59 13.78 -11.71
CA ALA A 326 7.92 14.17 -12.18
C ALA A 326 8.07 15.70 -12.05
N ALA A 327 7.02 16.42 -12.41
CA ALA A 327 7.02 17.87 -12.26
C ALA A 327 7.27 18.25 -10.80
N TRP A 328 6.56 17.58 -9.89
CA TRP A 328 6.83 17.78 -8.45
C TRP A 328 8.26 17.48 -8.07
N ALA A 329 8.82 16.39 -8.59
CA ALA A 329 10.18 16.02 -8.26
C ALA A 329 11.13 17.13 -8.71
N ILE A 330 10.84 17.73 -9.86
CA ILE A 330 11.69 18.79 -10.41
C ILE A 330 11.54 20.09 -9.61
N THR A 331 10.30 20.43 -9.22
CA THR A 331 10.10 21.63 -8.42
C THR A 331 10.79 21.51 -7.08
N ASN A 332 10.70 20.35 -6.44
CA ASN A 332 11.37 20.14 -5.16
C ASN A 332 12.89 20.20 -5.29
N TYR A 333 13.40 19.65 -6.38
CA TYR A 333 14.82 19.66 -6.68
C TYR A 333 15.31 21.11 -6.83
N THR A 334 14.53 21.93 -7.54
CA THR A 334 14.99 23.28 -7.83
C THR A 334 14.78 24.20 -6.63
N SER A 335 13.77 23.92 -5.81
CA SER A 335 13.59 24.69 -4.58
C SER A 335 14.73 24.38 -3.62
N GLY A 336 15.09 23.10 -3.50
CA GLY A 336 16.10 22.72 -2.52
C GLY A 336 17.54 22.66 -2.99
N GLY A 337 17.77 22.64 -4.29
CA GLY A 337 19.11 22.36 -4.80
C GLY A 337 20.05 23.55 -4.81
N THR A 338 21.35 23.25 -4.86
CA THR A 338 22.39 24.26 -5.06
C THR A 338 22.33 24.80 -6.49
N VAL A 339 23.04 25.90 -6.74
CA VAL A 339 23.09 26.48 -8.08
C VAL A 339 23.67 25.48 -9.07
N GLU A 340 24.74 24.80 -8.67
CA GLU A 340 25.42 23.80 -9.48
C GLU A 340 24.51 22.60 -9.80
N GLN A 341 23.70 22.19 -8.84
CA GLN A 341 22.76 21.10 -9.07
C GLN A 341 21.67 21.53 -10.04
N ILE A 342 21.24 22.79 -9.94
CA ILE A 342 20.22 23.29 -10.85
C ILE A 342 20.75 23.49 -12.28
N VAL A 343 22.00 23.91 -12.39
CA VAL A 343 22.67 24.03 -13.68
C VAL A 343 22.75 22.67 -14.37
N TYR A 344 23.16 21.66 -13.61
CA TYR A 344 23.26 20.30 -14.09
C TYR A 344 21.91 19.80 -14.62
N LEU A 345 20.85 20.16 -13.92
CA LEU A 345 19.50 19.78 -14.31
C LEU A 345 19.15 20.36 -15.68
N VAL A 346 19.51 21.62 -15.89
CA VAL A 346 19.28 22.26 -17.18
C VAL A 346 20.16 21.61 -18.27
N HIS A 347 21.41 21.32 -17.94
CA HIS A 347 22.29 20.65 -18.90
C HIS A 347 21.72 19.28 -19.28
N CYS A 348 20.95 18.67 -18.39
CA CYS A 348 20.35 17.37 -18.72
C CYS A 348 19.14 17.46 -19.65
N GLY A 349 18.69 18.68 -19.93
CA GLY A 349 17.61 18.90 -20.87
C GLY A 349 16.23 19.08 -20.26
N ILE A 350 16.16 19.56 -19.02
CA ILE A 350 14.86 19.67 -18.35
C ILE A 350 13.94 20.72 -18.98
N ILE A 351 14.50 21.73 -19.64
CA ILE A 351 13.67 22.88 -20.03
C ILE A 351 12.58 22.54 -21.03
N GLU A 352 12.93 21.85 -22.12
CA GLU A 352 11.93 21.57 -23.14
C GLU A 352 10.75 20.74 -22.63
N PRO A 353 11.00 19.59 -21.95
CA PRO A 353 9.83 18.84 -21.47
C PRO A 353 9.02 19.61 -20.42
N LEU A 354 9.68 20.45 -19.63
CA LEU A 354 8.99 21.30 -18.67
C LEU A 354 8.02 22.23 -19.41
N MET A 355 8.53 22.93 -20.42
CA MET A 355 7.71 23.85 -21.22
C MET A 355 6.58 23.15 -21.98
N ASN A 356 6.81 21.93 -22.45
CA ASN A 356 5.78 21.22 -23.21
C ASN A 356 4.57 20.90 -22.34
N LEU A 357 4.79 20.78 -21.04
CA LEU A 357 3.71 20.41 -20.13
C LEU A 357 2.87 21.61 -19.70
N LEU A 358 3.24 22.81 -20.12
CA LEU A 358 2.42 23.98 -19.85
C LEU A 358 1.16 23.95 -20.71
N SER A 359 1.14 23.06 -21.70
CA SER A 359 -0.04 22.84 -22.55
C SER A 359 -1.12 22.05 -21.84
N ALA A 360 -0.80 21.52 -20.66
CA ALA A 360 -1.70 20.58 -20.00
C ALA A 360 -2.90 21.26 -19.38
N LYS A 361 -4.10 20.76 -19.67
CA LYS A 361 -5.32 21.25 -19.06
C LYS A 361 -5.43 20.70 -17.63
N ASP A 362 -4.59 21.23 -16.75
CA ASP A 362 -4.53 20.80 -15.36
C ASP A 362 -3.85 21.90 -14.55
N THR A 363 -4.64 22.64 -13.78
CA THR A 363 -4.15 23.83 -13.10
C THR A 363 -2.98 23.57 -12.16
N LYS A 364 -3.04 22.44 -11.45
CA LYS A 364 -2.02 22.13 -10.46
C LYS A 364 -0.63 21.92 -11.07
N ILE A 365 -0.52 21.13 -12.13
CA ILE A 365 0.81 20.88 -12.67
C ILE A 365 1.40 22.17 -13.23
N ILE A 366 0.52 23.04 -13.73
CA ILE A 366 0.97 24.30 -14.30
C ILE A 366 1.62 25.17 -13.24
N GLN A 367 1.08 25.15 -12.02
CA GLN A 367 1.55 26.16 -11.05
C GLN A 367 2.88 25.62 -10.65
N VAL A 368 2.89 24.30 -10.54
CA VAL A 368 4.05 23.54 -10.11
C VAL A 368 5.23 23.80 -11.05
N ILE A 369 4.96 23.79 -12.35
CA ILE A 369 6.00 24.01 -13.36
C ILE A 369 6.48 25.46 -13.36
N LEU A 370 5.54 26.39 -13.34
CA LEU A 370 5.85 27.81 -13.20
C LEU A 370 6.72 28.05 -11.99
N ASP A 371 6.41 27.36 -10.90
CA ASP A 371 7.22 27.42 -9.70
C ASP A 371 8.65 26.94 -9.99
N ALA A 372 8.76 25.84 -10.73
CA ALA A 372 10.08 25.29 -11.08
C ALA A 372 10.87 26.29 -11.93
N ILE A 373 10.21 26.88 -12.92
CA ILE A 373 10.84 27.85 -13.80
C ILE A 373 11.37 29.04 -13.00
N SER A 374 10.54 29.57 -12.10
CA SER A 374 10.97 30.64 -11.21
C SER A 374 12.21 30.25 -10.41
N ASN A 375 12.20 29.03 -9.86
CA ASN A 375 13.36 28.53 -9.13
C ASN A 375 14.63 28.50 -9.96
N ILE A 376 14.48 28.12 -11.24
CA ILE A 376 15.65 27.98 -12.10
C ILE A 376 16.20 29.37 -12.45
N PHE A 377 15.30 30.32 -12.73
CA PHE A 377 15.74 31.68 -13.01
C PHE A 377 16.51 32.24 -11.82
N GLN A 378 16.03 31.98 -10.61
CA GLN A 378 16.70 32.41 -9.37
C GLN A 378 18.13 31.93 -9.30
N ALA A 379 18.38 30.70 -9.73
CA ALA A 379 19.74 30.18 -9.79
C ALA A 379 20.51 30.90 -10.89
N ALA A 380 19.81 31.15 -12.01
CA ALA A 380 20.42 31.83 -13.15
C ALA A 380 20.84 33.26 -12.77
N GLU A 381 19.99 33.95 -12.01
CA GLU A 381 20.29 35.30 -11.53
C GLU A 381 21.64 35.35 -10.79
N LYS A 382 21.89 34.34 -9.94
CA LYS A 382 23.12 34.30 -9.16
C LYS A 382 24.35 34.04 -10.02
N LEU A 383 24.12 33.64 -11.27
CA LEU A 383 25.22 33.44 -12.20
C LEU A 383 25.20 34.51 -13.29
N GLY A 384 24.24 35.43 -13.19
CA GLY A 384 24.09 36.48 -14.20
C GLY A 384 23.82 35.94 -15.59
N GLU A 385 22.87 35.01 -15.70
CA GLU A 385 22.59 34.34 -16.96
C GLU A 385 21.09 34.12 -17.24
N THR A 386 20.24 35.03 -16.77
CA THR A 386 18.82 34.94 -17.11
C THR A 386 18.58 35.07 -18.61
N GLU A 387 19.43 35.85 -19.28
CA GLU A 387 19.24 36.04 -20.71
C GLU A 387 19.42 34.73 -21.46
N LYS A 388 20.52 34.02 -21.15
CA LYS A 388 20.78 32.74 -21.79
C LYS A 388 19.62 31.78 -21.54
N LEU A 389 19.11 31.76 -20.31
CA LEU A 389 17.97 30.92 -19.97
C LEU A 389 16.72 31.34 -20.73
N SER A 390 16.51 32.65 -20.84
CA SER A 390 15.35 33.19 -21.55
C SER A 390 15.33 32.76 -23.01
N ILE A 391 16.50 32.79 -23.63
CA ILE A 391 16.64 32.37 -25.02
C ILE A 391 16.30 30.89 -25.16
N MET A 392 16.81 30.07 -24.25
CA MET A 392 16.51 28.64 -24.22
C MET A 392 15.01 28.39 -24.20
N ILE A 393 14.36 28.99 -23.22
CA ILE A 393 12.90 28.88 -23.08
C ILE A 393 12.20 29.40 -24.33
N GLU A 394 12.74 30.47 -24.91
CA GLU A 394 12.18 31.06 -26.12
C GLU A 394 12.29 30.13 -27.32
N GLU A 395 13.43 29.47 -27.45
CA GLU A 395 13.74 28.63 -28.60
C GLU A 395 12.85 27.38 -28.71
N CYS A 396 12.55 26.76 -27.57
CA CYS A 396 11.72 25.56 -27.60
C CYS A 396 10.23 25.88 -27.52
N GLY A 397 9.89 27.16 -27.68
CA GLY A 397 8.50 27.58 -27.71
C GLY A 397 7.88 27.79 -26.34
N GLY A 398 8.72 27.96 -25.33
CA GLY A 398 8.25 28.09 -23.96
C GLY A 398 7.62 29.45 -23.67
N LEU A 399 8.17 30.50 -24.29
CA LEU A 399 7.65 31.85 -24.11
C LEU A 399 6.19 31.94 -24.55
N ASP A 400 5.86 31.28 -25.66
CA ASP A 400 4.50 31.27 -26.18
C ASP A 400 3.53 30.61 -25.23
N LYS A 401 3.99 29.57 -24.54
CA LYS A 401 3.16 28.86 -23.57
C LYS A 401 2.96 29.69 -22.31
N ILE A 402 4.01 30.37 -21.87
CA ILE A 402 3.90 31.22 -20.69
C ILE A 402 3.02 32.43 -20.97
N GLU A 403 3.16 33.01 -22.16
CA GLU A 403 2.34 34.16 -22.52
C GLU A 403 0.89 33.78 -22.69
N ALA A 404 0.63 32.59 -23.22
CA ALA A 404 -0.75 32.11 -23.35
C ALA A 404 -1.38 31.93 -21.97
N LEU A 405 -0.55 31.71 -20.96
CA LEU A 405 -1.03 31.51 -19.59
C LEU A 405 -1.46 32.83 -18.95
N GLN A 406 -1.07 33.94 -19.58
CA GLN A 406 -1.54 35.27 -19.20
C GLN A 406 -3.06 35.26 -19.10
N ARG A 407 -3.67 34.84 -20.21
CA ARG A 407 -5.12 34.77 -20.35
C ARG A 407 -5.64 33.39 -19.95
N HIS A 408 -5.58 33.10 -18.65
CA HIS A 408 -5.92 31.78 -18.15
C HIS A 408 -6.75 31.88 -16.86
N GLU A 409 -7.68 30.93 -16.70
CA GLU A 409 -8.64 30.90 -15.60
C GLU A 409 -8.11 31.35 -14.23
N ASN A 410 -6.89 30.96 -13.88
CA ASN A 410 -6.48 30.92 -12.49
C ASN A 410 -5.65 32.13 -12.09
N GLU A 411 -5.82 32.56 -10.85
CA GLU A 411 -5.15 33.76 -10.36
C GLU A 411 -3.66 33.52 -10.11
N SER A 412 -3.34 32.38 -9.50
CA SER A 412 -1.95 32.02 -9.23
C SER A 412 -1.18 31.87 -10.54
N VAL A 413 -1.80 31.20 -11.50
CA VAL A 413 -1.21 31.04 -12.83
C VAL A 413 -1.00 32.39 -13.51
N TYR A 414 -2.07 33.20 -13.57
CA TYR A 414 -1.99 34.55 -14.12
C TYR A 414 -0.82 35.32 -13.52
N LYS A 415 -0.90 35.58 -12.21
CA LYS A 415 0.13 36.31 -11.48
C LYS A 415 1.54 35.80 -11.76
N ALA A 416 1.75 34.50 -11.56
CA ALA A 416 3.07 33.90 -11.79
C ALA A 416 3.52 34.06 -13.24
N SER A 417 2.59 33.89 -14.18
CA SER A 417 2.88 34.06 -15.61
C SER A 417 3.38 35.47 -15.92
N LEU A 418 2.55 36.47 -15.62
CA LEU A 418 2.89 37.84 -15.94
C LEU A 418 4.18 38.27 -15.25
N ASN A 419 4.39 37.81 -14.02
CA ASN A 419 5.64 38.08 -13.32
C ASN A 419 6.86 37.61 -14.11
N LEU A 420 6.82 36.36 -14.56
CA LEU A 420 7.92 35.78 -15.33
C LEU A 420 8.21 36.56 -16.61
N ILE A 421 7.14 36.93 -17.30
CA ILE A 421 7.24 37.66 -18.56
C ILE A 421 7.89 39.04 -18.41
N GLU A 422 7.31 39.86 -17.55
CA GLU A 422 7.81 41.22 -17.38
C GLU A 422 9.18 41.24 -16.70
N LYS A 423 9.50 40.17 -15.96
CA LYS A 423 10.78 40.13 -15.25
C LYS A 423 11.92 39.55 -16.08
N TYR A 424 11.61 38.66 -17.03
CA TYR A 424 12.68 38.02 -17.80
C TYR A 424 12.50 38.04 -19.31
N PHE A 425 11.38 38.56 -19.80
CA PHE A 425 11.16 38.58 -21.24
C PHE A 425 10.79 39.99 -21.73
N SER A 426 11.83 40.78 -21.99
CA SER A 426 11.73 42.18 -22.40
C SER A 426 10.72 42.97 -21.57
#